data_6G3Z
#
_entry.id   6G3Z
#
_cell.length_a   106.865
_cell.length_b   106.865
_cell.length_c   245.636
_cell.angle_alpha   90.00
_cell.angle_beta   90.00
_cell.angle_gamma   120.00
#
_symmetry.space_group_name_H-M   'P 65 2 2'
#
loop_
_entity.id
_entity.type
_entity.pdbx_description
1 polymer '2-dehydro-3-deoxy-phosphogluconate/2-dehydro-3-deoxy-6-phosphogalactonate aldolase'
2 non-polymer '2-keto 3 deoxy 6 phospho gluconate'
3 non-polymer 'ISOPROPYL ALCOHOL'
4 water water
#
_entity_poly.entity_id   1
_entity_poly.type   'polypeptide(L)'
_entity_poly.pdbx_seq_one_letter_code
;MPEIITPIITPFTKDNRIDKEKLKIHAENLIRKGIDKLFVNGTTGLGPSLSPEEKLENLKAVYDVTNKIIFQVGGLNLDD
AIRLAKLSKDFDIVGIASYAPYYYPRMSEKHLVKYFKTLCEVSPHPVYLYNYPTATGKDIDAKVAKEIGCFTGVKDTIEN
IIHTLDYKRLNPNMLVYSGSDMLIATVASTGLDGNVAAGSNYLPEVTVTIKKLAMERKIDEALKLQFLHDEVIEASRIFG
SLSSNYVLTKYFQGYDLGYPRPPIFPLDDEEERQLIKKVEGIRAKLVELKILKE
;
_entity_poly.pdbx_strand_id   A,B
#
# COMPACT_ATOMS: atom_id res chain seq x y z
N PRO A 2 10.26 15.44 -3.65
CA PRO A 2 8.84 15.09 -3.46
C PRO A 2 8.05 16.27 -2.93
N GLU A 3 6.81 16.37 -3.39
CA GLU A 3 5.97 17.52 -3.14
C GLU A 3 4.75 17.13 -2.31
N ILE A 4 4.29 18.09 -1.50
CA ILE A 4 2.99 18.03 -0.86
C ILE A 4 2.06 18.96 -1.63
N ILE A 5 0.95 18.42 -2.14
CA ILE A 5 -0.02 19.15 -2.93
C ILE A 5 -1.37 19.14 -2.22
N THR A 6 -1.98 20.31 -2.06
CA THR A 6 -3.25 20.40 -1.33
C THR A 6 -4.43 20.37 -2.30
N PRO A 7 -5.29 19.34 -2.28
CA PRO A 7 -6.60 19.47 -2.95
C PRO A 7 -7.43 20.44 -2.12
N ILE A 8 -7.60 21.64 -2.62
CA ILE A 8 -8.03 22.72 -1.76
C ILE A 8 -9.54 22.64 -1.61
N ILE A 9 -10.01 22.93 -0.39
CA ILE A 9 -11.44 22.94 -0.05
C ILE A 9 -12.12 24.10 -0.75
N THR A 10 -13.37 23.88 -1.18
CA THR A 10 -14.15 24.96 -1.77
C THR A 10 -15.06 25.56 -0.70
N PRO A 11 -14.81 26.78 -0.20
CA PRO A 11 -15.72 27.38 0.77
C PRO A 11 -16.98 27.90 0.08
N PHE A 12 -18.14 27.60 0.66
CA PHE A 12 -19.40 28.08 0.14
C PHE A 12 -20.04 29.02 1.15
N THR A 13 -20.80 29.98 0.63
CA THR A 13 -21.58 30.87 1.46
C THR A 13 -22.87 30.19 1.91
N LYS A 14 -23.56 30.85 2.84
CA LYS A 14 -24.80 30.31 3.39
C LYS A 14 -25.82 30.02 2.29
N ASP A 15 -25.87 30.89 1.29
CA ASP A 15 -26.76 30.67 0.16
C ASP A 15 -26.08 29.91 -0.98
N ASN A 16 -25.25 28.93 -0.62
CA ASN A 16 -24.72 27.94 -1.56
C ASN A 16 -23.98 28.55 -2.75
N ARG A 17 -23.24 29.63 -2.50
CA ARG A 17 -22.35 30.18 -3.51
C ARG A 17 -20.91 30.08 -3.05
N ILE A 18 -19.98 30.14 -4.00
CA ILE A 18 -18.56 30.06 -3.68
C ILE A 18 -18.09 31.34 -3.02
N ASP A 19 -17.52 31.22 -1.82
CA ASP A 19 -16.95 32.39 -1.11
C ASP A 19 -15.52 32.58 -1.59
N LYS A 20 -15.36 33.31 -2.70
CA LYS A 20 -14.04 33.51 -3.28
C LYS A 20 -13.08 34.15 -2.29
N GLU A 21 -13.58 35.06 -1.44
CA GLU A 21 -12.67 35.76 -0.54
C GLU A 21 -12.08 34.80 0.49
N LYS A 22 -12.89 33.91 1.07
CA LYS A 22 -12.33 32.94 2.01
C LYS A 22 -11.40 31.96 1.29
N LEU A 23 -11.65 31.72 0.00
CA LEU A 23 -10.81 30.81 -0.76
C LEU A 23 -9.43 31.40 -1.01
N LYS A 24 -9.37 32.71 -1.30
CA LYS A 24 -8.10 33.40 -1.45
C LYS A 24 -7.33 33.37 -0.14
N ILE A 25 -7.96 33.78 0.96
CA ILE A 25 -7.31 33.70 2.27
C ILE A 25 -6.73 32.30 2.49
N HIS A 26 -7.52 31.27 2.18
CA HIS A 26 -7.09 29.91 2.47
C HIS A 26 -5.91 29.52 1.62
N ALA A 27 -5.94 29.87 0.32
CA ALA A 27 -4.85 29.50 -0.56
C ALA A 27 -3.58 30.29 -0.24
N GLU A 28 -3.73 31.55 0.17
CA GLU A 28 -2.59 32.33 0.64
C GLU A 28 -1.88 31.60 1.78
N ASN A 29 -2.63 31.23 2.81
CA ASN A 29 -2.02 30.57 3.97
C ASN A 29 -1.33 29.28 3.58
N LEU A 30 -1.97 28.49 2.72
CA LEU A 30 -1.39 27.21 2.32
C LEU A 30 -0.05 27.39 1.62
N ILE A 31 0.08 28.42 0.79
CA ILE A 31 1.36 28.64 0.13
C ILE A 31 2.39 29.14 1.15
N ARG A 32 1.99 30.10 1.99
CA ARG A 32 2.87 30.61 3.04
C ARG A 32 3.43 29.50 3.92
N LYS A 33 2.70 28.41 4.10
CA LYS A 33 3.15 27.35 5.00
C LYS A 33 3.95 26.26 4.28
N GLY A 34 4.16 26.39 2.97
CA GLY A 34 5.04 25.46 2.27
C GLY A 34 4.38 24.46 1.34
N ILE A 35 3.09 24.62 1.06
CA ILE A 35 2.45 23.72 0.12
C ILE A 35 3.01 23.99 -1.26
N ASP A 36 3.47 22.94 -1.91
CA ASP A 36 4.05 23.09 -3.24
C ASP A 36 3.06 23.60 -4.26
N LYS A 37 1.87 22.97 -4.36
CA LYS A 37 0.91 23.23 -5.42
C LYS A 37 -0.52 23.06 -4.91
N LEU A 38 -1.44 23.66 -5.63
CA LEU A 38 -2.86 23.61 -5.28
C LEU A 38 -3.60 22.85 -6.35
N PHE A 39 -4.26 21.76 -5.93
CA PHE A 39 -5.12 20.96 -6.80
C PHE A 39 -6.56 21.46 -6.65
N VAL A 40 -7.13 22.01 -7.73
CA VAL A 40 -8.36 22.78 -7.64
C VAL A 40 -9.50 22.01 -8.30
N ASN A 41 -10.59 21.81 -7.56
CA ASN A 41 -11.78 21.08 -7.99
C ASN A 41 -11.57 19.57 -7.94
N GLY A 42 -10.80 19.09 -6.96
CA GLY A 42 -10.74 17.67 -6.68
C GLY A 42 -11.90 17.25 -5.78
N THR A 43 -11.80 16.01 -5.27
CA THR A 43 -12.83 15.51 -4.37
C THR A 43 -12.99 16.44 -3.17
N THR A 44 -11.88 16.84 -2.56
CA THR A 44 -11.94 17.65 -1.34
C THR A 44 -12.55 19.02 -1.61
N GLY A 45 -12.40 19.51 -2.82
CA GLY A 45 -13.06 20.73 -3.24
C GLY A 45 -14.42 20.51 -3.87
N LEU A 46 -15.00 19.31 -3.73
CA LEU A 46 -16.34 19.01 -4.27
C LEU A 46 -16.43 19.27 -5.76
N GLY A 47 -15.39 18.87 -6.49
CA GLY A 47 -15.35 19.03 -7.92
C GLY A 47 -16.60 18.58 -8.63
N PRO A 48 -17.04 17.35 -8.41
CA PRO A 48 -18.21 16.84 -9.15
C PRO A 48 -19.52 17.59 -8.83
N SER A 49 -19.63 18.22 -7.67
CA SER A 49 -20.73 19.09 -7.30
C SER A 49 -20.73 20.44 -7.99
N LEU A 50 -19.69 20.79 -8.73
CA LEU A 50 -19.55 22.13 -9.28
C LEU A 50 -19.89 22.12 -10.75
N SER A 51 -20.44 23.24 -11.21
CA SER A 51 -20.70 23.43 -12.62
C SER A 51 -19.45 23.92 -13.32
N PRO A 52 -19.38 23.73 -14.64
CA PRO A 52 -18.22 24.27 -15.38
C PRO A 52 -17.90 25.69 -14.96
N GLU A 53 -18.91 26.54 -14.89
CA GLU A 53 -18.69 27.93 -14.56
C GLU A 53 -18.15 28.08 -13.13
N GLU A 54 -18.48 27.16 -12.23
CA GLU A 54 -17.95 27.26 -10.88
C GLU A 54 -16.52 26.76 -10.80
N LYS A 55 -16.18 25.70 -11.54
CA LYS A 55 -14.80 25.24 -11.62
C LYS A 55 -13.91 26.36 -12.14
N LEU A 56 -14.42 27.20 -13.05
CA LEU A 56 -13.64 28.32 -13.56
C LEU A 56 -13.51 29.42 -12.50
N GLU A 57 -14.61 29.79 -11.83
CA GLU A 57 -14.53 30.76 -10.74
C GLU A 57 -13.44 30.39 -9.75
N ASN A 58 -13.26 29.09 -9.52
CA ASN A 58 -12.28 28.63 -8.56
C ASN A 58 -10.85 28.84 -9.08
N LEU A 59 -10.61 28.49 -10.34
CA LEU A 59 -9.32 28.79 -10.96
C LEU A 59 -8.97 30.26 -10.81
N LYS A 60 -9.90 31.15 -11.17
CA LYS A 60 -9.61 32.58 -11.15
C LYS A 60 -9.34 33.08 -9.74
N ALA A 61 -10.07 32.58 -8.75
CA ALA A 61 -9.85 33.04 -7.38
C ALA A 61 -8.47 32.64 -6.87
N VAL A 62 -8.08 31.39 -7.10
CA VAL A 62 -6.79 30.93 -6.62
C VAL A 62 -5.64 31.46 -7.46
N TYR A 63 -5.92 31.87 -8.71
CA TYR A 63 -4.91 32.46 -9.58
C TYR A 63 -4.64 33.93 -9.26
N ASP A 64 -5.52 34.60 -8.52
CA ASP A 64 -5.19 35.91 -7.99
C ASP A 64 -4.26 35.82 -6.79
N VAL A 65 -3.86 34.62 -6.40
CA VAL A 65 -3.06 34.41 -5.19
C VAL A 65 -1.78 33.66 -5.55
N THR A 66 -1.85 32.76 -6.54
CA THR A 66 -0.73 31.92 -6.87
C THR A 66 -0.99 31.31 -8.24
N ASN A 67 0.08 30.90 -8.90
CA ASN A 67 -0.04 30.24 -10.18
C ASN A 67 0.40 28.78 -10.12
N LYS A 68 0.74 28.26 -8.94
CA LYS A 68 1.09 26.84 -8.77
C LYS A 68 -0.20 26.02 -8.62
N ILE A 69 -0.98 25.99 -9.71
CA ILE A 69 -2.30 25.38 -9.75
C ILE A 69 -2.28 24.18 -10.68
N ILE A 70 -2.88 23.07 -10.23
CA ILE A 70 -3.38 22.04 -11.13
C ILE A 70 -4.92 22.15 -11.19
N PHE A 71 -5.44 22.28 -12.40
CA PHE A 71 -6.81 22.72 -12.66
C PHE A 71 -7.61 21.49 -13.08
N GLN A 72 -8.47 20.99 -12.18
CA GLN A 72 -9.25 19.79 -12.47
C GLN A 72 -10.52 20.20 -13.20
N VAL A 73 -10.81 19.54 -14.32
CA VAL A 73 -11.75 20.05 -15.31
C VAL A 73 -12.67 18.98 -15.86
N GLY A 74 -12.58 17.74 -15.36
CA GLY A 74 -13.36 16.65 -15.93
C GLY A 74 -14.85 16.66 -15.50
N GLY A 75 -15.62 15.77 -16.11
CA GLY A 75 -17.05 15.69 -15.86
C GLY A 75 -17.74 14.74 -16.83
N LEU A 76 -19.07 14.75 -16.78
CA LEU A 76 -19.88 13.88 -17.63
C LEU A 76 -20.37 14.56 -18.92
N ASN A 77 -20.11 15.85 -19.08
CA ASN A 77 -20.30 16.54 -20.35
C ASN A 77 -18.92 16.88 -20.90
N LEU A 78 -18.49 16.13 -21.93
CA LEU A 78 -17.13 16.31 -22.43
C LEU A 78 -16.93 17.71 -23.03
N ASP A 79 -17.95 18.24 -23.71
CA ASP A 79 -17.77 19.56 -24.33
C ASP A 79 -17.43 20.61 -23.28
N ASP A 80 -17.85 20.40 -22.03
CA ASP A 80 -17.55 21.35 -20.96
C ASP A 80 -16.13 21.18 -20.45
N ALA A 81 -15.63 19.93 -20.39
CA ALA A 81 -14.24 19.70 -20.03
C ALA A 81 -13.32 20.29 -21.09
N ILE A 82 -13.66 20.10 -22.36
CA ILE A 82 -12.91 20.71 -23.45
C ILE A 82 -12.90 22.23 -23.28
N ARG A 83 -14.08 22.81 -23.06
N ARG A 83 -14.07 22.82 -23.09
CA ARG A 83 -14.18 24.26 -22.92
CA ARG A 83 -14.15 24.26 -22.94
C ARG A 83 -13.31 24.77 -21.78
C ARG A 83 -13.27 24.76 -21.79
N LEU A 84 -13.21 24.00 -20.70
CA LEU A 84 -12.44 24.44 -19.54
C LEU A 84 -10.95 24.23 -19.77
N ALA A 85 -10.60 23.13 -20.42
CA ALA A 85 -9.23 22.92 -20.86
C ALA A 85 -8.73 24.11 -21.69
N LYS A 86 -9.46 24.42 -22.76
CA LYS A 86 -9.02 25.47 -23.69
C LYS A 86 -8.93 26.83 -22.99
N LEU A 87 -9.88 27.13 -22.11
CA LEU A 87 -9.87 28.41 -21.42
C LEU A 87 -8.60 28.61 -20.62
N SER A 88 -7.96 27.53 -20.17
CA SER A 88 -6.83 27.72 -19.26
C SER A 88 -5.56 28.20 -19.97
N LYS A 89 -5.60 28.35 -21.30
CA LYS A 89 -4.44 28.79 -22.06
C LYS A 89 -3.95 30.18 -21.61
N ASP A 90 -4.85 31.04 -21.16
CA ASP A 90 -4.49 32.38 -20.72
C ASP A 90 -3.97 32.40 -19.29
N PHE A 91 -3.82 31.23 -18.67
CA PHE A 91 -3.37 31.08 -17.31
C PHE A 91 -2.02 30.37 -17.27
N ASP A 92 -1.08 30.93 -16.52
CA ASP A 92 0.23 30.32 -16.31
C ASP A 92 0.14 29.36 -15.13
N ILE A 93 -0.24 28.11 -15.40
CA ILE A 93 -0.48 27.12 -14.35
C ILE A 93 0.30 25.85 -14.66
N VAL A 94 0.42 25.00 -13.64
CA VAL A 94 1.20 23.78 -13.77
C VAL A 94 0.56 22.83 -14.76
N GLY A 95 -0.76 22.69 -14.74
CA GLY A 95 -1.42 21.75 -15.61
C GLY A 95 -2.91 21.68 -15.33
N ILE A 96 -3.56 20.82 -16.11
CA ILE A 96 -4.96 20.46 -15.89
C ILE A 96 -5.01 18.98 -15.54
N ALA A 97 -6.11 18.58 -14.89
CA ALA A 97 -6.30 17.20 -14.49
C ALA A 97 -7.78 16.84 -14.67
N SER A 98 -8.06 15.53 -14.73
CA SER A 98 -9.41 15.00 -14.79
C SER A 98 -9.43 13.64 -14.10
N TYR A 99 -10.47 13.40 -13.28
CA TYR A 99 -10.78 12.02 -12.92
C TYR A 99 -11.44 11.33 -14.12
N ALA A 100 -11.51 10.00 -14.04
CA ALA A 100 -12.26 9.26 -15.06
C ALA A 100 -13.75 9.61 -14.94
N PRO A 101 -14.51 9.50 -16.04
CA PRO A 101 -15.96 9.66 -15.93
C PRO A 101 -16.53 8.80 -14.82
N TYR A 102 -17.25 9.43 -13.90
CA TYR A 102 -17.79 8.73 -12.77
C TYR A 102 -19.21 8.22 -13.06
N TYR A 103 -19.80 7.56 -12.07
CA TYR A 103 -21.18 7.07 -12.07
C TYR A 103 -21.40 5.85 -12.98
N TYR A 104 -21.24 6.02 -14.29
CA TYR A 104 -21.68 4.96 -15.21
C TYR A 104 -20.75 3.76 -15.12
N PRO A 105 -21.21 2.61 -14.66
CA PRO A 105 -20.40 1.40 -14.80
C PRO A 105 -20.52 0.86 -16.22
N ARG A 106 -19.88 -0.28 -16.45
CA ARG A 106 -19.82 -0.88 -17.79
C ARG A 106 -19.54 0.17 -18.86
N MET A 107 -18.45 0.90 -18.67
CA MET A 107 -17.85 1.74 -19.69
C MET A 107 -16.66 1.00 -20.28
N SER A 108 -16.46 1.12 -21.58
CA SER A 108 -15.40 0.39 -22.25
C SER A 108 -14.07 1.08 -22.03
N GLU A 109 -13.00 0.28 -22.02
CA GLU A 109 -11.67 0.87 -22.02
C GLU A 109 -11.51 1.78 -23.23
N LYS A 110 -12.06 1.35 -24.37
CA LYS A 110 -11.94 2.15 -25.59
C LYS A 110 -12.50 3.56 -25.39
N HIS A 111 -13.49 3.70 -24.52
CA HIS A 111 -14.16 4.98 -24.37
C HIS A 111 -13.46 5.83 -23.33
N LEU A 112 -13.09 5.21 -22.22
CA LEU A 112 -12.27 5.88 -21.23
C LEU A 112 -11.00 6.45 -21.87
N VAL A 113 -10.33 5.64 -22.71
CA VAL A 113 -9.12 6.12 -23.37
C VAL A 113 -9.44 7.33 -24.24
N LYS A 114 -10.49 7.22 -25.06
CA LYS A 114 -10.83 8.31 -25.97
C LYS A 114 -11.11 9.59 -25.20
N TYR A 115 -11.75 9.48 -24.04
CA TYR A 115 -12.02 10.65 -23.22
C TYR A 115 -10.73 11.33 -22.81
N PHE A 116 -9.80 10.57 -22.24
CA PHE A 116 -8.57 11.19 -21.78
C PHE A 116 -7.73 11.70 -22.95
N LYS A 117 -7.64 10.93 -24.05
CA LYS A 117 -6.92 11.42 -25.22
C LYS A 117 -7.52 12.72 -25.72
N THR A 118 -8.85 12.83 -25.71
CA THR A 118 -9.50 14.05 -26.20
C THR A 118 -9.10 15.27 -25.36
N LEU A 119 -8.87 15.08 -24.06
CA LEU A 119 -8.48 16.24 -23.25
C LEU A 119 -7.02 16.60 -23.49
N CYS A 120 -6.19 15.61 -23.84
CA CYS A 120 -4.81 15.91 -24.19
C CYS A 120 -4.76 16.67 -25.51
N GLU A 121 -5.57 16.25 -26.49
CA GLU A 121 -5.51 16.88 -27.82
C GLU A 121 -5.84 18.36 -27.76
N VAL A 122 -6.64 18.80 -26.80
CA VAL A 122 -7.03 20.22 -26.70
C VAL A 122 -6.28 20.96 -25.61
N SER A 123 -5.61 20.27 -24.70
CA SER A 123 -5.02 20.93 -23.55
C SER A 123 -3.90 21.88 -23.98
N PRO A 124 -3.85 23.09 -23.44
CA PRO A 124 -2.66 23.95 -23.62
C PRO A 124 -1.66 23.85 -22.49
N HIS A 125 -1.80 22.89 -21.59
CA HIS A 125 -0.90 22.70 -20.47
C HIS A 125 -0.66 21.22 -20.26
N PRO A 126 0.32 20.84 -19.45
CA PRO A 126 0.49 19.43 -19.13
C PRO A 126 -0.77 18.87 -18.48
N VAL A 127 -1.03 17.59 -18.74
CA VAL A 127 -2.26 16.93 -18.29
C VAL A 127 -1.92 15.89 -17.23
N TYR A 128 -2.59 15.99 -16.07
CA TYR A 128 -2.44 15.04 -14.97
C TYR A 128 -3.67 14.14 -14.81
N LEU A 129 -3.41 12.86 -14.57
CA LEU A 129 -4.45 11.85 -14.36
C LEU A 129 -4.85 11.82 -12.90
N TYR A 130 -6.16 11.84 -12.64
CA TYR A 130 -6.69 11.72 -11.29
C TYR A 130 -7.38 10.36 -11.22
N ASN A 131 -6.72 9.39 -10.60
CA ASN A 131 -7.23 8.03 -10.49
C ASN A 131 -7.86 7.87 -9.11
N TYR A 132 -9.16 7.59 -9.07
CA TYR A 132 -9.88 7.41 -7.80
C TYR A 132 -10.91 6.32 -8.06
N PRO A 133 -10.48 5.06 -8.07
CA PRO A 133 -11.39 3.99 -8.53
C PRO A 133 -12.64 3.85 -7.69
N THR A 134 -12.49 3.96 -6.37
CA THR A 134 -13.65 3.87 -5.51
C THR A 134 -14.65 4.99 -5.76
N ALA A 135 -14.19 6.20 -6.06
CA ALA A 135 -15.12 7.30 -6.27
C ALA A 135 -15.74 7.26 -7.68
N THR A 136 -15.00 6.83 -8.69
CA THR A 136 -15.46 6.91 -10.07
C THR A 136 -15.95 5.57 -10.62
N GLY A 137 -15.73 4.47 -9.92
CA GLY A 137 -16.08 3.16 -10.42
C GLY A 137 -15.11 2.52 -11.40
N LYS A 138 -14.06 3.21 -11.86
CA LYS A 138 -13.14 2.56 -12.79
C LYS A 138 -11.69 2.90 -12.48
N ASP A 139 -10.81 2.05 -12.98
CA ASP A 139 -9.39 2.07 -12.63
C ASP A 139 -8.54 2.31 -13.87
N ILE A 140 -8.02 3.53 -14.00
CA ILE A 140 -7.05 3.83 -15.04
C ILE A 140 -5.67 3.47 -14.49
N ASP A 141 -5.31 2.19 -14.58
CA ASP A 141 -4.06 1.75 -13.97
C ASP A 141 -2.89 2.14 -14.85
N ALA A 142 -1.70 1.72 -14.42
CA ALA A 142 -0.49 2.19 -15.09
C ALA A 142 -0.40 1.70 -16.53
N LYS A 143 -1.00 0.55 -16.85
CA LYS A 143 -1.05 0.10 -18.24
C LYS A 143 -1.91 1.03 -19.08
N VAL A 144 -3.10 1.40 -18.57
CA VAL A 144 -3.98 2.26 -19.35
C VAL A 144 -3.38 3.66 -19.48
N ALA A 145 -2.78 4.18 -18.40
CA ALA A 145 -2.11 5.48 -18.49
C ALA A 145 -0.99 5.49 -19.52
N LYS A 146 -0.31 4.36 -19.69
CA LYS A 146 0.67 4.26 -20.76
C LYS A 146 0.00 4.27 -22.13
N GLU A 147 -0.98 3.38 -22.34
CA GLU A 147 -1.70 3.35 -23.60
C GLU A 147 -2.26 4.72 -23.97
N ILE A 148 -2.69 5.50 -22.98
CA ILE A 148 -3.13 6.86 -23.24
C ILE A 148 -1.96 7.73 -23.67
N GLY A 149 -0.89 7.75 -22.86
CA GLY A 149 0.41 8.17 -23.32
C GLY A 149 0.73 9.65 -23.19
N CYS A 150 -0.17 10.46 -22.61
CA CYS A 150 0.01 11.90 -22.64
C CYS A 150 0.01 12.52 -21.25
N PHE A 151 0.05 11.70 -20.19
CA PHE A 151 -0.02 12.16 -18.81
C PHE A 151 1.37 12.59 -18.31
N THR A 152 1.46 13.84 -17.86
CA THR A 152 2.66 14.30 -17.18
C THR A 152 2.77 13.73 -15.77
N GLY A 153 1.64 13.66 -15.04
CA GLY A 153 1.63 13.07 -13.72
C GLY A 153 0.35 12.29 -13.46
N VAL A 154 0.30 11.67 -12.27
CA VAL A 154 -0.84 10.89 -11.82
C VAL A 154 -1.02 11.07 -10.31
N LYS A 155 -2.27 11.26 -9.89
CA LYS A 155 -2.66 11.16 -8.49
C LYS A 155 -3.46 9.88 -8.29
N ASP A 156 -2.94 8.99 -7.47
CA ASP A 156 -3.48 7.64 -7.31
C ASP A 156 -4.09 7.55 -5.92
N THR A 157 -5.41 7.74 -5.82
CA THR A 157 -6.12 7.55 -4.55
C THR A 157 -6.64 6.13 -4.56
N ILE A 158 -5.94 5.27 -3.84
CA ILE A 158 -6.25 3.86 -3.80
C ILE A 158 -5.46 3.33 -2.63
N GLU A 159 -6.03 2.38 -1.92
CA GLU A 159 -5.35 1.81 -0.77
C GLU A 159 -4.63 0.55 -1.23
N ASN A 160 -3.52 0.82 -1.95
CA ASN A 160 -2.66 -0.19 -2.55
C ASN A 160 -1.47 0.50 -3.19
N ILE A 161 -0.33 0.52 -2.50
CA ILE A 161 0.81 1.28 -3.02
C ILE A 161 1.54 0.47 -4.11
N ILE A 162 1.37 -0.84 -4.17
CA ILE A 162 1.87 -1.58 -5.34
C ILE A 162 1.31 -0.97 -6.60
N HIS A 163 -0.01 -0.69 -6.59
CA HIS A 163 -0.69 -0.13 -7.74
C HIS A 163 -0.09 1.22 -8.11
N THR A 164 0.27 2.00 -7.10
CA THR A 164 0.87 3.31 -7.32
C THR A 164 2.29 3.18 -7.85
N LEU A 165 3.10 2.31 -7.23
CA LEU A 165 4.45 2.07 -7.70
C LEU A 165 4.46 1.69 -9.17
N ASP A 166 3.43 0.96 -9.59
CA ASP A 166 3.48 0.42 -10.94
C ASP A 166 3.47 1.53 -11.98
N TYR A 167 3.03 2.73 -11.60
CA TYR A 167 3.04 3.82 -12.55
C TYR A 167 4.47 4.23 -12.87
N LYS A 168 5.31 4.36 -11.83
CA LYS A 168 6.71 4.70 -12.03
C LYS A 168 7.43 3.62 -12.81
N ARG A 169 7.12 2.36 -12.52
CA ARG A 169 7.78 1.26 -13.22
C ARG A 169 7.46 1.27 -14.72
N LEU A 170 6.20 1.49 -15.09
CA LEU A 170 5.82 1.45 -16.49
C LEU A 170 5.88 2.79 -17.19
N ASN A 171 5.93 3.90 -16.45
CA ASN A 171 6.05 5.24 -17.02
C ASN A 171 7.15 5.96 -16.25
N PRO A 172 8.41 5.64 -16.55
CA PRO A 172 9.52 6.14 -15.70
C PRO A 172 9.61 7.66 -15.60
N ASN A 173 9.11 8.41 -16.58
CA ASN A 173 9.22 9.86 -16.54
C ASN A 173 7.99 10.54 -16.00
N MET A 174 7.02 9.77 -15.52
CA MET A 174 5.78 10.31 -15.04
C MET A 174 5.93 10.68 -13.57
N LEU A 175 5.49 11.88 -13.23
CA LEU A 175 5.30 12.23 -11.84
C LEU A 175 4.20 11.36 -11.22
N VAL A 176 4.52 10.68 -10.13
CA VAL A 176 3.60 9.74 -9.49
C VAL A 176 3.36 10.21 -8.06
N TYR A 177 2.10 10.58 -7.77
CA TYR A 177 1.66 11.07 -6.46
C TYR A 177 0.63 10.12 -5.88
N SER A 178 0.65 9.99 -4.56
CA SER A 178 -0.35 9.21 -3.83
C SER A 178 -1.39 10.13 -3.22
N GLY A 179 -2.65 9.69 -3.24
CA GLY A 179 -3.75 10.48 -2.68
C GLY A 179 -3.94 10.37 -1.18
N SER A 180 -3.05 9.67 -0.47
CA SER A 180 -3.20 9.33 0.93
C SER A 180 -2.45 10.30 1.83
N ASP A 181 -3.11 10.72 2.92
CA ASP A 181 -2.46 11.46 3.99
C ASP A 181 -1.58 10.53 4.83
N MET A 182 -1.94 9.24 4.87
CA MET A 182 -1.26 8.29 5.73
C MET A 182 0.02 7.75 5.11
N LEU A 183 0.30 8.08 3.84
CA LEU A 183 1.46 7.56 3.14
C LEU A 183 2.50 8.63 2.82
N ILE A 184 2.55 9.72 3.57
CA ILE A 184 3.51 10.78 3.24
C ILE A 184 4.93 10.29 3.50
N ALA A 185 5.18 9.80 4.72
CA ALA A 185 6.50 9.26 5.04
C ALA A 185 6.89 8.17 4.07
N THR A 186 5.95 7.28 3.75
CA THR A 186 6.30 6.14 2.92
C THR A 186 6.62 6.59 1.50
N VAL A 187 5.89 7.59 1.00
CA VAL A 187 6.07 7.99 -0.39
C VAL A 187 7.43 8.66 -0.55
N ALA A 188 7.67 9.69 0.24
CA ALA A 188 9.00 10.30 0.28
C ALA A 188 10.08 9.23 0.39
N SER A 189 9.95 8.35 1.38
CA SER A 189 11.04 7.40 1.62
C SER A 189 11.21 6.40 0.48
N THR A 190 10.18 6.12 -0.32
CA THR A 190 10.31 5.05 -1.29
C THR A 190 10.60 5.52 -2.70
N GLY A 191 10.76 6.84 -2.92
CA GLY A 191 11.18 7.35 -4.21
C GLY A 191 10.07 7.82 -5.10
N LEU A 192 8.88 8.01 -4.57
CA LEU A 192 7.78 8.55 -5.34
C LEU A 192 7.75 10.07 -5.11
N ASP A 193 6.90 10.74 -5.88
CA ASP A 193 7.06 12.17 -6.07
C ASP A 193 6.22 13.02 -5.12
N GLY A 194 5.42 12.42 -4.25
CA GLY A 194 4.73 13.19 -3.23
C GLY A 194 3.30 12.72 -3.00
N ASN A 195 2.54 13.56 -2.29
CA ASN A 195 1.18 13.22 -1.89
C ASN A 195 0.28 14.41 -2.11
N VAL A 196 -0.89 14.13 -2.70
CA VAL A 196 -2.00 15.08 -2.77
C VAL A 196 -2.90 14.76 -1.58
N ALA A 197 -2.72 15.51 -0.49
CA ALA A 197 -3.18 15.13 0.84
C ALA A 197 -4.28 16.08 1.29
N ALA A 198 -5.52 15.56 1.35
CA ALA A 198 -6.64 16.38 1.81
C ALA A 198 -6.36 17.00 3.18
N GLY A 199 -5.69 16.23 4.05
CA GLY A 199 -5.42 16.69 5.40
C GLY A 199 -4.51 17.90 5.48
N SER A 200 -3.76 18.20 4.41
CA SER A 200 -2.89 19.36 4.44
C SER A 200 -3.66 20.67 4.30
N ASN A 201 -4.99 20.60 4.10
CA ASN A 201 -5.86 21.78 4.22
C ASN A 201 -5.82 22.33 5.63
N TYR A 202 -5.84 21.47 6.63
CA TYR A 202 -5.97 21.93 8.01
C TYR A 202 -4.71 21.70 8.83
N LEU A 203 -3.76 20.91 8.33
CA LEU A 203 -2.48 20.68 9.02
C LEU A 203 -1.33 20.67 8.02
N PRO A 204 -1.19 21.69 7.19
CA PRO A 204 -0.07 21.71 6.24
C PRO A 204 1.30 21.69 6.91
N GLU A 205 1.44 22.31 8.09
CA GLU A 205 2.71 22.22 8.83
C GLU A 205 3.11 20.79 9.07
N VAL A 206 2.15 19.93 9.42
CA VAL A 206 2.45 18.54 9.73
C VAL A 206 2.82 17.77 8.47
N THR A 207 2.01 17.91 7.41
CA THR A 207 2.29 17.17 6.18
C THR A 207 3.64 17.57 5.60
N VAL A 208 3.91 18.87 5.55
CA VAL A 208 5.20 19.38 5.09
C VAL A 208 6.34 18.82 5.94
N THR A 209 6.15 18.76 7.27
CA THR A 209 7.22 18.27 8.15
C THR A 209 7.41 16.75 8.09
N ILE A 210 6.35 15.97 7.85
CA ILE A 210 6.55 14.52 7.68
C ILE A 210 7.49 14.27 6.50
N LYS A 211 7.22 14.95 5.38
CA LYS A 211 8.03 14.79 4.18
C LYS A 211 9.49 15.19 4.42
N LYS A 212 9.69 16.34 5.09
CA LYS A 212 11.03 16.85 5.39
C LYS A 212 11.85 15.84 6.19
N LEU A 213 11.31 15.40 7.33
CA LEU A 213 12.01 14.41 8.14
C LEU A 213 12.41 13.19 7.33
N ALA A 214 11.48 12.61 6.56
CA ALA A 214 11.78 11.39 5.84
C ALA A 214 12.90 11.59 4.83
N MET A 215 12.95 12.77 4.21
CA MET A 215 14.00 13.09 3.25
C MET A 215 15.31 13.49 3.92
N GLU A 216 15.26 13.96 5.17
CA GLU A 216 16.44 14.00 6.02
C GLU A 216 16.78 12.64 6.59
N ARG A 217 16.06 11.59 6.22
CA ARG A 217 16.38 10.23 6.63
C ARG A 217 16.05 9.97 8.09
N LYS A 218 15.35 10.89 8.76
CA LYS A 218 14.86 10.65 10.10
C LYS A 218 13.55 9.86 10.02
N ILE A 219 13.70 8.64 9.51
CA ILE A 219 12.52 7.82 9.22
C ILE A 219 11.69 7.64 10.47
N ASP A 220 12.32 7.67 11.63
CA ASP A 220 11.64 7.37 12.87
C ASP A 220 10.77 8.54 13.33
N GLU A 221 11.33 9.74 13.32
CA GLU A 221 10.51 10.88 13.68
C GLU A 221 9.40 11.08 12.68
N ALA A 222 9.67 10.77 11.41
CA ALA A 222 8.66 10.96 10.38
C ALA A 222 7.44 10.08 10.67
N LEU A 223 7.67 8.78 10.92
CA LEU A 223 6.58 7.89 11.31
C LEU A 223 5.90 8.35 12.58
N LYS A 224 6.68 8.74 13.57
CA LYS A 224 6.09 9.24 14.80
C LYS A 224 5.08 10.33 14.46
N LEU A 225 5.51 11.30 13.67
CA LEU A 225 4.61 12.39 13.30
C LEU A 225 3.51 11.91 12.35
N GLN A 226 3.85 10.98 11.47
CA GLN A 226 2.88 10.43 10.52
C GLN A 226 1.71 9.77 11.26
N PHE A 227 2.01 9.02 12.31
CA PHE A 227 0.99 8.31 13.09
C PHE A 227 0.05 9.26 13.82
N LEU A 228 0.55 10.41 14.30
CA LEU A 228 -0.36 11.38 14.90
C LEU A 228 -1.29 11.96 13.85
N HIS A 229 -0.77 12.17 12.64
CA HIS A 229 -1.59 12.68 11.57
C HIS A 229 -2.69 11.66 11.22
N ASP A 230 -2.32 10.38 11.20
CA ASP A 230 -3.31 9.33 10.93
C ASP A 230 -4.48 9.46 11.89
N GLU A 231 -4.21 9.72 13.17
CA GLU A 231 -5.30 9.85 14.13
C GLU A 231 -6.19 11.03 13.80
N VAL A 232 -5.63 12.12 13.25
CA VAL A 232 -6.50 13.22 12.85
C VAL A 232 -7.37 12.81 11.67
N ILE A 233 -6.82 12.04 10.73
CA ILE A 233 -7.61 11.60 9.59
C ILE A 233 -8.74 10.71 10.05
N GLU A 234 -8.44 9.76 10.94
CA GLU A 234 -9.48 8.92 11.51
C GLU A 234 -10.57 9.77 12.16
N ALA A 235 -10.16 10.69 13.06
CA ALA A 235 -11.13 11.60 13.62
C ALA A 235 -12.08 12.14 12.56
N SER A 236 -11.52 12.60 11.43
CA SER A 236 -12.30 13.38 10.47
C SER A 236 -13.32 12.52 9.76
N ARG A 237 -13.14 11.20 9.81
CA ARG A 237 -13.94 10.25 9.05
C ARG A 237 -15.18 9.78 9.82
N ILE A 238 -15.15 9.87 11.15
CA ILE A 238 -16.27 9.58 12.02
C ILE A 238 -17.56 10.16 11.48
N PHE A 239 -17.55 11.46 11.22
CA PHE A 239 -18.74 12.14 10.74
C PHE A 239 -18.68 12.43 9.26
N GLY A 240 -17.67 11.91 8.55
CA GLY A 240 -17.52 12.23 7.13
C GLY A 240 -16.37 13.20 6.91
N SER A 241 -15.32 12.73 6.24
CA SER A 241 -14.13 13.56 6.06
C SER A 241 -14.48 14.87 5.36
N LEU A 242 -15.26 14.81 4.29
CA LEU A 242 -15.47 15.99 3.47
C LEU A 242 -16.09 17.13 4.26
N SER A 243 -16.91 16.82 5.25
CA SER A 243 -17.54 17.87 6.02
C SER A 243 -16.65 18.26 7.19
N SER A 244 -16.12 17.26 7.88
CA SER A 244 -15.22 17.49 8.99
C SER A 244 -13.97 18.28 8.60
N ASN A 245 -13.61 18.29 7.30
CA ASN A 245 -12.45 19.05 6.87
C ASN A 245 -12.63 20.55 7.12
N TYR A 246 -13.85 21.05 6.88
CA TYR A 246 -14.17 22.45 7.18
C TYR A 246 -13.97 22.76 8.66
N VAL A 247 -14.55 21.94 9.54
CA VAL A 247 -14.40 22.17 10.97
C VAL A 247 -12.91 22.15 11.37
N LEU A 248 -12.15 21.22 10.80
CA LEU A 248 -10.78 21.05 11.25
C LEU A 248 -9.89 22.21 10.81
N THR A 249 -10.24 22.88 9.72
CA THR A 249 -9.46 24.04 9.30
C THR A 249 -9.68 25.20 10.26
N LYS A 250 -10.94 25.54 10.52
CA LYS A 250 -11.30 26.55 11.51
C LYS A 250 -10.55 26.32 12.81
N TYR A 251 -10.46 25.06 13.24
CA TYR A 251 -9.86 24.77 14.54
C TYR A 251 -8.34 24.94 14.49
N PHE A 252 -7.69 24.33 13.50
CA PHE A 252 -6.22 24.29 13.49
C PHE A 252 -5.62 25.57 12.92
N GLN A 253 -6.19 26.12 11.84
CA GLN A 253 -5.67 27.29 11.18
C GLN A 253 -6.39 28.58 11.55
N GLY A 254 -7.54 28.51 12.23
CA GLY A 254 -8.13 29.68 12.82
C GLY A 254 -8.88 30.61 11.91
N TYR A 255 -9.09 30.24 10.65
CA TYR A 255 -10.05 30.95 9.81
C TYR A 255 -11.15 29.99 9.38
N ASP A 256 -12.31 30.57 9.13
CA ASP A 256 -13.53 29.82 8.88
C ASP A 256 -13.72 29.68 7.37
N LEU A 257 -13.97 28.46 6.90
CA LEU A 257 -14.18 28.20 5.48
C LEU A 257 -15.66 28.08 5.11
N GLY A 258 -16.55 28.66 5.90
CA GLY A 258 -17.95 28.69 5.51
C GLY A 258 -18.55 27.30 5.52
N TYR A 259 -19.18 26.94 4.41
CA TYR A 259 -20.09 25.79 4.38
C TYR A 259 -19.75 24.84 3.24
N PRO A 260 -19.88 23.53 3.45
CA PRO A 260 -19.80 22.60 2.31
C PRO A 260 -21.05 22.72 1.46
N ARG A 261 -21.20 21.91 0.43
CA ARG A 261 -22.40 21.96 -0.39
C ARG A 261 -23.27 20.73 -0.13
N PRO A 262 -24.41 20.88 0.54
CA PRO A 262 -25.42 19.80 0.60
C PRO A 262 -25.60 19.14 -0.75
N PRO A 263 -25.60 17.81 -0.83
CA PRO A 263 -25.68 16.68 0.13
C PRO A 263 -24.48 16.46 1.03
N ILE A 264 -23.38 17.17 0.84
CA ILE A 264 -22.30 17.19 1.81
C ILE A 264 -22.73 18.15 2.92
N PHE A 265 -23.06 17.62 4.07
CA PHE A 265 -23.76 18.43 5.05
C PHE A 265 -22.81 18.95 6.13
N PRO A 266 -22.95 20.22 6.52
CA PRO A 266 -22.10 20.73 7.59
C PRO A 266 -22.36 20.00 8.89
N LEU A 267 -21.29 19.74 9.64
CA LEU A 267 -21.47 19.15 10.96
C LEU A 267 -22.32 20.09 11.81
N ASP A 268 -23.22 19.52 12.59
CA ASP A 268 -23.94 20.34 13.56
C ASP A 268 -23.06 20.58 14.79
N ASP A 269 -23.50 21.53 15.62
CA ASP A 269 -22.67 22.03 16.70
C ASP A 269 -22.18 20.90 17.60
N GLU A 270 -22.94 19.82 17.72
CA GLU A 270 -22.56 18.72 18.61
C GLU A 270 -21.54 17.80 17.96
N GLU A 271 -21.66 17.55 16.65
CA GLU A 271 -20.61 16.89 15.91
C GLU A 271 -19.33 17.73 15.94
N GLU A 272 -19.46 19.04 15.69
CA GLU A 272 -18.33 19.94 15.82
C GLU A 272 -17.67 19.78 17.18
N ARG A 273 -18.47 19.70 18.24
CA ARG A 273 -17.91 19.54 19.59
C ARG A 273 -17.12 18.25 19.71
N GLN A 274 -17.75 17.13 19.35
CA GLN A 274 -17.12 15.84 19.59
C GLN A 274 -15.87 15.65 18.75
N LEU A 275 -15.87 16.20 17.53
CA LEU A 275 -14.70 16.09 16.66
C LEU A 275 -13.50 16.78 17.28
N ILE A 276 -13.68 18.03 17.70
CA ILE A 276 -12.62 18.77 18.36
C ILE A 276 -12.10 17.98 19.54
N LYS A 277 -13.01 17.43 20.35
CA LYS A 277 -12.59 16.61 21.48
C LYS A 277 -11.70 15.46 21.04
N LYS A 278 -11.95 14.92 19.84
CA LYS A 278 -11.14 13.81 19.35
C LYS A 278 -9.74 14.23 18.93
N VAL A 279 -9.51 15.51 18.63
CA VAL A 279 -8.22 15.96 18.11
C VAL A 279 -7.47 16.86 19.08
N GLU A 280 -8.16 17.46 20.06
CA GLU A 280 -7.50 18.47 20.90
C GLU A 280 -6.28 17.89 21.60
N GLY A 281 -6.34 16.62 22.01
CA GLY A 281 -5.15 15.97 22.53
C GLY A 281 -4.02 15.95 21.53
N ILE A 282 -4.34 15.72 20.25
CA ILE A 282 -3.28 15.67 19.25
C ILE A 282 -2.75 17.07 18.96
N ARG A 283 -3.62 18.09 19.02
CA ARG A 283 -3.15 19.46 18.82
C ARG A 283 -2.13 19.84 19.90
N ALA A 284 -2.44 19.48 21.15
CA ALA A 284 -1.49 19.67 22.25
C ALA A 284 -0.13 19.07 21.92
N LYS A 285 -0.11 17.77 21.63
CA LYS A 285 1.13 17.09 21.28
C LYS A 285 1.89 17.85 20.19
N LEU A 286 1.17 18.39 19.20
CA LEU A 286 1.83 19.09 18.11
C LEU A 286 2.45 20.41 18.58
N VAL A 287 1.81 21.09 19.54
CA VAL A 287 2.38 22.32 20.09
C VAL A 287 3.63 21.99 20.91
N GLU A 288 3.63 20.84 21.59
CA GLU A 288 4.79 20.43 22.37
C GLU A 288 5.96 20.07 21.47
N LEU A 289 5.72 19.25 20.46
CA LEU A 289 6.76 18.95 19.47
C LEU A 289 7.20 20.20 18.72
N LYS A 290 6.51 21.34 18.89
CA LYS A 290 6.87 22.63 18.32
C LYS A 290 6.54 22.71 16.84
N ILE A 291 5.58 21.91 16.39
CA ILE A 291 5.10 21.92 15.01
C ILE A 291 3.99 22.94 14.82
N LEU A 292 3.22 23.23 15.87
CA LEU A 292 2.19 24.23 15.85
C LEU A 292 2.46 25.26 16.94
N LYS A 293 1.86 26.43 16.78
CA LYS A 293 1.89 27.47 17.80
C LYS A 293 0.56 27.46 18.55
N GLU A 294 0.63 27.61 19.86
CA GLU A 294 -0.57 27.70 20.66
C GLU A 294 -1.45 28.83 20.11
N PRO B 2 15.64 -4.62 9.09
CA PRO B 2 14.63 -5.46 8.43
C PRO B 2 15.18 -6.74 7.88
N GLU B 3 14.32 -7.75 7.75
CA GLU B 3 14.71 -9.10 7.38
C GLU B 3 13.96 -9.58 6.13
N ILE B 4 14.50 -10.61 5.51
CA ILE B 4 13.82 -11.39 4.51
C ILE B 4 13.53 -12.75 5.11
N ILE B 5 12.28 -13.20 4.98
CA ILE B 5 11.83 -14.48 5.50
C ILE B 5 11.21 -15.25 4.35
N THR B 6 11.59 -16.51 4.20
CA THR B 6 11.09 -17.28 3.10
C THR B 6 9.95 -18.15 3.61
N PRO B 7 8.73 -17.99 3.06
CA PRO B 7 7.67 -19.00 3.24
C PRO B 7 8.00 -20.20 2.38
N ILE B 8 8.59 -21.23 2.99
CA ILE B 8 9.37 -22.19 2.21
C ILE B 8 8.46 -23.23 1.58
N ILE B 9 8.79 -23.59 0.34
CA ILE B 9 8.07 -24.59 -0.43
C ILE B 9 8.16 -25.95 0.25
N THR B 10 7.03 -26.64 0.30
CA THR B 10 7.04 -28.07 0.65
C THR B 10 7.24 -28.90 -0.61
N PRO B 11 8.36 -29.63 -0.74
CA PRO B 11 8.55 -30.48 -1.92
C PRO B 11 7.97 -31.87 -1.72
N PHE B 12 7.35 -32.38 -2.79
CA PHE B 12 6.61 -33.63 -2.74
C PHE B 12 7.23 -34.61 -3.72
N THR B 13 7.12 -35.89 -3.39
CA THR B 13 7.51 -36.96 -4.32
C THR B 13 6.51 -37.05 -5.47
N LYS B 14 6.73 -38.02 -6.35
CA LYS B 14 5.75 -38.28 -7.39
C LYS B 14 4.53 -38.99 -6.85
N ASP B 15 4.66 -39.65 -5.68
CA ASP B 15 3.53 -40.26 -5.01
C ASP B 15 3.12 -39.49 -3.74
N ASN B 16 3.22 -38.16 -3.77
CA ASN B 16 2.43 -37.28 -2.90
C ASN B 16 2.83 -37.39 -1.42
N ARG B 17 4.12 -37.59 -1.15
CA ARG B 17 4.64 -37.47 0.20
C ARG B 17 5.66 -36.35 0.27
N ILE B 18 5.88 -35.83 1.48
CA ILE B 18 6.91 -34.80 1.66
C ILE B 18 8.26 -35.42 1.40
N ASP B 19 9.04 -34.79 0.53
CA ASP B 19 10.39 -35.25 0.20
C ASP B 19 11.35 -34.53 1.14
N LYS B 20 11.65 -35.15 2.28
CA LYS B 20 12.35 -34.42 3.33
C LYS B 20 13.75 -34.02 2.90
N GLU B 21 14.38 -34.81 2.04
CA GLU B 21 15.76 -34.53 1.67
C GLU B 21 15.85 -33.34 0.72
N LYS B 22 14.97 -33.28 -0.28
CA LYS B 22 14.97 -32.07 -1.12
C LYS B 22 14.62 -30.86 -0.28
N LEU B 23 13.83 -31.05 0.76
CA LEU B 23 13.45 -29.91 1.58
C LEU B 23 14.64 -29.43 2.40
N LYS B 24 15.49 -30.35 2.86
CA LYS B 24 16.72 -29.95 3.55
C LYS B 24 17.68 -29.23 2.61
N ILE B 25 17.88 -29.75 1.39
CA ILE B 25 18.73 -29.05 0.42
C ILE B 25 18.26 -27.62 0.25
N HIS B 26 16.97 -27.46 -0.08
CA HIS B 26 16.38 -26.13 -0.29
C HIS B 26 16.67 -25.23 0.89
N ALA B 27 16.41 -25.72 2.10
CA ALA B 27 16.55 -24.92 3.30
C ALA B 27 18.01 -24.54 3.51
N GLU B 28 18.90 -25.54 3.45
CA GLU B 28 20.33 -25.31 3.51
C GLU B 28 20.75 -24.17 2.61
N ASN B 29 20.32 -24.20 1.35
CA ASN B 29 20.75 -23.18 0.40
C ASN B 29 20.21 -21.81 0.78
N LEU B 30 18.95 -21.73 1.21
CA LEU B 30 18.34 -20.43 1.45
C LEU B 30 19.05 -19.70 2.57
N ILE B 31 19.43 -20.42 3.63
CA ILE B 31 20.21 -19.82 4.70
C ILE B 31 21.58 -19.39 4.19
N ARG B 32 22.22 -20.26 3.41
CA ARG B 32 23.52 -19.91 2.83
C ARG B 32 23.47 -18.57 2.12
N LYS B 33 22.35 -18.27 1.46
CA LYS B 33 22.24 -17.10 0.58
C LYS B 33 21.75 -15.87 1.31
N GLY B 34 21.59 -15.94 2.62
CA GLY B 34 21.31 -14.76 3.42
C GLY B 34 19.92 -14.63 4.01
N ILE B 35 19.09 -15.66 3.92
CA ILE B 35 17.72 -15.53 4.40
C ILE B 35 17.70 -15.58 5.92
N ASP B 36 17.09 -14.58 6.52
CA ASP B 36 17.04 -14.50 7.97
C ASP B 36 16.25 -15.65 8.60
N LYS B 37 15.02 -15.90 8.14
CA LYS B 37 14.16 -16.87 8.80
C LYS B 37 13.35 -17.64 7.78
N LEU B 38 12.87 -18.80 8.20
CA LEU B 38 12.09 -19.70 7.37
C LEU B 38 10.72 -19.84 8.00
N PHE B 39 9.67 -19.57 7.21
CA PHE B 39 8.27 -19.64 7.66
C PHE B 39 7.68 -20.93 7.10
N VAL B 40 7.45 -21.92 7.97
CA VAL B 40 7.16 -23.28 7.55
C VAL B 40 5.64 -23.54 7.63
N ASN B 41 5.11 -24.17 6.58
CA ASN B 41 3.66 -24.47 6.44
C ASN B 41 2.81 -23.23 6.13
N GLY B 42 3.41 -22.24 5.46
CA GLY B 42 2.65 -21.11 4.99
C GLY B 42 1.91 -21.44 3.70
N THR B 43 1.30 -20.40 3.13
CA THR B 43 0.62 -20.57 1.85
C THR B 43 1.55 -21.16 0.81
N THR B 44 2.80 -20.65 0.73
CA THR B 44 3.70 -21.11 -0.32
C THR B 44 4.13 -22.55 -0.10
N GLY B 45 4.17 -23.00 1.16
CA GLY B 45 4.35 -24.39 1.48
C GLY B 45 3.10 -25.24 1.47
N LEU B 46 1.96 -24.68 1.04
CA LEU B 46 0.69 -25.41 0.95
C LEU B 46 0.25 -25.98 2.30
N GLY B 47 0.40 -25.17 3.37
CA GLY B 47 -0.01 -25.59 4.69
C GLY B 47 -1.45 -26.04 4.81
N PRO B 48 -2.39 -25.36 4.17
CA PRO B 48 -3.78 -25.84 4.25
C PRO B 48 -3.97 -27.24 3.70
N SER B 49 -3.17 -27.65 2.70
CA SER B 49 -3.23 -28.99 2.12
C SER B 49 -2.48 -30.06 2.92
N LEU B 50 -1.92 -29.73 4.08
CA LEU B 50 -1.09 -30.66 4.84
C LEU B 50 -1.82 -31.12 6.10
N SER B 51 -1.70 -32.40 6.42
CA SER B 51 -2.26 -32.89 7.67
C SER B 51 -1.46 -32.36 8.84
N PRO B 52 -2.02 -32.41 10.05
CA PRO B 52 -1.21 -32.06 11.23
C PRO B 52 0.11 -32.80 11.28
N GLU B 53 0.09 -34.10 10.97
CA GLU B 53 1.32 -34.90 10.99
C GLU B 53 2.29 -34.42 9.92
N GLU B 54 1.79 -34.12 8.72
CA GLU B 54 2.67 -33.60 7.69
C GLU B 54 3.22 -32.22 8.06
N LYS B 55 2.50 -31.46 8.88
CA LYS B 55 3.00 -30.15 9.28
C LYS B 55 4.14 -30.30 10.27
N LEU B 56 4.11 -31.36 11.09
CA LEU B 56 5.21 -31.65 11.99
C LEU B 56 6.39 -32.22 11.23
N GLU B 57 6.14 -33.14 10.28
CA GLU B 57 7.19 -33.61 9.38
C GLU B 57 7.98 -32.43 8.83
N ASN B 58 7.27 -31.43 8.31
CA ASN B 58 7.93 -30.26 7.72
C ASN B 58 8.80 -29.55 8.75
N LEU B 59 8.28 -29.32 9.94
CA LEU B 59 9.07 -28.71 11.00
C LEU B 59 10.33 -29.51 11.27
N LYS B 60 10.19 -30.83 11.49
CA LYS B 60 11.35 -31.63 11.87
C LYS B 60 12.42 -31.59 10.79
N ALA B 61 12.04 -31.75 9.51
CA ALA B 61 13.03 -31.71 8.44
C ALA B 61 13.80 -30.41 8.45
N VAL B 62 13.09 -29.28 8.50
CA VAL B 62 13.74 -27.97 8.41
C VAL B 62 14.57 -27.72 9.67
N TYR B 63 14.14 -28.26 10.81
CA TYR B 63 14.89 -28.14 12.04
C TYR B 63 16.21 -28.89 11.98
N ASP B 64 16.35 -29.87 11.10
CA ASP B 64 17.64 -30.52 10.87
C ASP B 64 18.62 -29.58 10.19
N VAL B 65 18.28 -28.30 10.03
CA VAL B 65 19.14 -27.37 9.31
C VAL B 65 19.26 -26.06 10.10
N THR B 66 18.19 -25.66 10.78
CA THR B 66 18.23 -24.35 11.42
C THR B 66 17.16 -24.23 12.50
N ASN B 67 17.40 -23.32 13.43
CA ASN B 67 16.46 -22.90 14.46
C ASN B 67 15.61 -21.72 14.01
N LYS B 68 16.00 -21.07 12.92
CA LYS B 68 15.41 -19.79 12.51
C LYS B 68 14.10 -20.06 11.77
N ILE B 69 13.12 -20.56 12.54
CA ILE B 69 11.89 -21.14 12.04
C ILE B 69 10.71 -20.44 12.68
N ILE B 70 9.71 -20.09 11.88
CA ILE B 70 8.39 -19.76 12.37
C ILE B 70 7.47 -20.86 11.87
N PHE B 71 6.80 -21.52 12.81
CA PHE B 71 6.12 -22.80 12.58
C PHE B 71 4.61 -22.53 12.51
N GLN B 72 4.06 -22.57 11.30
CA GLN B 72 2.63 -22.27 11.13
C GLN B 72 1.82 -23.53 11.43
N VAL B 73 0.87 -23.42 12.37
CA VAL B 73 0.13 -24.56 12.92
C VAL B 73 -1.39 -24.43 12.74
N GLY B 74 -1.86 -23.42 12.01
CA GLY B 74 -3.30 -23.15 11.99
C GLY B 74 -4.09 -24.17 11.19
N GLY B 75 -5.41 -24.19 11.42
CA GLY B 75 -6.31 -25.03 10.65
C GLY B 75 -7.75 -24.96 11.14
N LEU B 76 -8.59 -25.86 10.64
CA LEU B 76 -10.02 -25.85 10.98
C LEU B 76 -10.39 -26.87 12.06
N ASN B 77 -9.39 -27.48 12.67
CA ASN B 77 -9.52 -28.35 13.84
C ASN B 77 -8.60 -27.76 14.90
N LEU B 78 -9.19 -27.14 15.93
CA LEU B 78 -8.41 -26.46 16.96
C LEU B 78 -7.65 -27.45 17.81
N ASP B 79 -8.28 -28.56 18.17
CA ASP B 79 -7.53 -29.58 18.90
C ASP B 79 -6.21 -29.91 18.21
N ASP B 80 -6.23 -29.99 16.88
CA ASP B 80 -4.99 -30.33 16.16
C ASP B 80 -3.97 -29.20 16.24
N ALA B 81 -4.43 -27.94 16.17
CA ALA B 81 -3.51 -26.82 16.27
C ALA B 81 -2.88 -26.76 17.66
N ILE B 82 -3.72 -26.81 18.69
CA ILE B 82 -3.24 -26.90 20.07
C ILE B 82 -2.18 -27.97 20.21
N ARG B 83 -2.44 -29.15 19.65
CA ARG B 83 -1.48 -30.25 19.73
C ARG B 83 -0.14 -29.86 19.12
N LEU B 84 -0.16 -29.22 17.94
CA LEU B 84 1.10 -28.86 17.30
C LEU B 84 1.81 -27.76 18.07
N ALA B 85 1.06 -26.81 18.61
CA ALA B 85 1.66 -25.75 19.40
C ALA B 85 2.45 -26.32 20.56
N LYS B 86 1.86 -27.29 21.27
CA LYS B 86 2.50 -27.86 22.45
C LYS B 86 3.66 -28.78 22.07
N LEU B 87 3.56 -29.49 20.93
CA LEU B 87 4.67 -30.32 20.47
C LEU B 87 5.91 -29.51 20.14
N SER B 88 5.73 -28.23 19.81
CA SER B 88 6.84 -27.41 19.40
C SER B 88 7.73 -26.97 20.55
N LYS B 89 7.37 -27.30 21.81
CA LYS B 89 8.21 -26.92 22.94
C LYS B 89 9.58 -27.58 22.86
N ASP B 90 9.67 -28.76 22.25
CA ASP B 90 10.95 -29.44 22.11
C ASP B 90 11.75 -28.94 20.93
N PHE B 91 11.48 -27.72 20.46
CA PHE B 91 12.20 -27.14 19.33
C PHE B 91 12.59 -25.73 19.73
N ASP B 92 13.90 -25.41 19.64
CA ASP B 92 14.38 -24.06 19.95
C ASP B 92 14.22 -23.23 18.69
N ILE B 93 13.01 -22.66 18.50
CA ILE B 93 12.64 -21.95 17.29
C ILE B 93 12.12 -20.56 17.67
N VAL B 94 11.99 -19.71 16.64
CA VAL B 94 11.58 -18.32 16.84
C VAL B 94 10.14 -18.22 17.30
N GLY B 95 9.23 -18.99 16.70
CA GLY B 95 7.86 -18.89 17.13
C GLY B 95 6.95 -19.84 16.37
N ILE B 96 5.66 -19.73 16.68
CA ILE B 96 4.59 -20.38 15.95
C ILE B 96 3.70 -19.31 15.36
N ALA B 97 2.88 -19.72 14.39
CA ALA B 97 2.02 -18.81 13.65
C ALA B 97 0.71 -19.51 13.28
N SER B 98 -0.29 -18.69 12.96
CA SER B 98 -1.57 -19.20 12.44
C SER B 98 -2.23 -18.14 11.58
N TYR B 99 -2.59 -18.51 10.35
CA TYR B 99 -3.63 -17.75 9.67
C TYR B 99 -4.93 -17.86 10.45
N ALA B 100 -5.88 -16.98 10.12
CA ALA B 100 -7.21 -17.09 10.69
C ALA B 100 -7.89 -18.35 10.13
N PRO B 101 -8.85 -18.92 10.86
CA PRO B 101 -9.66 -20.01 10.30
C PRO B 101 -10.23 -19.62 8.94
N TYR B 102 -10.02 -20.48 7.94
CA TYR B 102 -10.38 -20.16 6.56
C TYR B 102 -11.76 -20.70 6.17
N TYR B 103 -12.18 -20.38 4.94
CA TYR B 103 -13.38 -20.92 4.30
C TYR B 103 -14.69 -20.35 4.84
N TYR B 104 -15.04 -20.68 6.07
CA TYR B 104 -16.33 -20.24 6.60
C TYR B 104 -16.44 -18.73 6.65
N PRO B 105 -17.30 -18.11 5.84
CA PRO B 105 -17.58 -16.69 6.06
C PRO B 105 -18.45 -16.49 7.29
N ARG B 106 -18.77 -15.25 7.63
CA ARG B 106 -19.65 -14.93 8.75
C ARG B 106 -19.24 -15.69 10.02
N MET B 107 -18.01 -15.42 10.46
CA MET B 107 -17.54 -15.79 11.77
C MET B 107 -17.48 -14.53 12.62
N SER B 108 -17.92 -14.60 13.86
CA SER B 108 -17.88 -13.44 14.72
C SER B 108 -16.42 -13.08 15.02
N GLU B 109 -16.17 -11.78 15.17
CA GLU B 109 -14.91 -11.33 15.75
C GLU B 109 -14.64 -12.07 17.05
N LYS B 110 -15.68 -12.24 17.86
CA LYS B 110 -15.55 -12.91 19.16
C LYS B 110 -14.96 -14.30 19.00
N HIS B 111 -15.44 -15.05 18.00
CA HIS B 111 -14.92 -16.40 17.78
C HIS B 111 -13.52 -16.35 17.21
N LEU B 112 -13.23 -15.37 16.35
CA LEU B 112 -11.89 -15.29 15.80
C LEU B 112 -10.88 -14.93 16.89
N VAL B 113 -11.26 -14.06 17.83
CA VAL B 113 -10.36 -13.72 18.93
C VAL B 113 -10.08 -14.94 19.79
N LYS B 114 -11.14 -15.64 20.17
CA LYS B 114 -11.01 -16.82 21.00
C LYS B 114 -10.14 -17.88 20.34
N TYR B 115 -10.20 -17.99 19.02
CA TYR B 115 -9.31 -18.92 18.33
C TYR B 115 -7.86 -18.59 18.65
N PHE B 116 -7.48 -17.31 18.50
CA PHE B 116 -6.09 -16.91 18.68
C PHE B 116 -5.69 -16.88 20.15
N LYS B 117 -6.52 -16.26 21.01
CA LYS B 117 -6.21 -16.24 22.44
C LYS B 117 -6.04 -17.66 22.98
N THR B 118 -6.69 -18.63 22.35
CA THR B 118 -6.53 -20.00 22.82
C THR B 118 -5.18 -20.55 22.43
N LEU B 119 -4.72 -20.22 21.23
CA LEU B 119 -3.38 -20.64 20.83
C LEU B 119 -2.32 -19.95 21.66
N CYS B 120 -2.54 -18.67 21.97
CA CYS B 120 -1.60 -17.97 22.82
C CYS B 120 -1.52 -18.64 24.18
N GLU B 121 -2.67 -19.02 24.77
CA GLU B 121 -2.65 -19.59 26.11
C GLU B 121 -1.81 -20.86 26.22
N VAL B 122 -1.60 -21.59 25.12
CA VAL B 122 -0.91 -22.87 25.19
C VAL B 122 0.42 -22.86 24.48
N SER B 123 0.78 -21.77 23.82
CA SER B 123 1.99 -21.79 23.02
C SER B 123 3.22 -21.76 23.94
N PRO B 124 4.24 -22.58 23.65
CA PRO B 124 5.52 -22.46 24.35
C PRO B 124 6.48 -21.46 23.73
N HIS B 125 6.16 -20.91 22.55
CA HIS B 125 7.00 -19.94 21.88
C HIS B 125 6.21 -18.64 21.68
N PRO B 126 6.83 -17.57 21.19
CA PRO B 126 6.05 -16.39 20.83
C PRO B 126 5.17 -16.71 19.62
N VAL B 127 4.05 -15.98 19.52
CA VAL B 127 3.00 -16.25 18.54
C VAL B 127 3.01 -15.16 17.47
N TYR B 128 3.03 -15.58 16.21
CA TYR B 128 2.98 -14.67 15.09
C TYR B 128 1.65 -14.80 14.34
N LEU B 129 1.01 -13.66 14.07
CA LEU B 129 -0.21 -13.62 13.27
C LEU B 129 0.08 -13.64 11.78
N TYR B 130 -0.63 -14.50 11.05
CA TYR B 130 -0.54 -14.55 9.59
C TYR B 130 -1.89 -14.07 9.05
N ASN B 131 -1.94 -12.78 8.72
CA ASN B 131 -3.12 -12.13 8.15
C ASN B 131 -3.06 -12.20 6.63
N TYR B 132 -4.03 -12.89 6.04
CA TYR B 132 -4.17 -13.02 4.58
C TYR B 132 -5.68 -13.00 4.27
N PRO B 133 -6.28 -11.81 4.15
CA PRO B 133 -7.76 -11.75 3.99
C PRO B 133 -8.29 -12.39 2.72
N THR B 134 -7.62 -12.18 1.59
CA THR B 134 -8.03 -12.84 0.37
C THR B 134 -8.11 -14.35 0.54
N ALA B 135 -7.11 -14.96 1.17
CA ALA B 135 -7.09 -16.42 1.25
C ALA B 135 -8.05 -16.95 2.30
N THR B 136 -8.24 -16.25 3.42
CA THR B 136 -9.01 -16.79 4.54
C THR B 136 -10.41 -16.22 4.64
N GLY B 137 -10.71 -15.14 3.93
CA GLY B 137 -12.01 -14.50 4.04
C GLY B 137 -12.20 -13.56 5.20
N LYS B 138 -11.19 -13.33 6.04
CA LYS B 138 -11.40 -12.34 7.08
C LYS B 138 -10.05 -11.71 7.42
N ASP B 139 -10.14 -10.61 8.17
CA ASP B 139 -9.06 -9.66 8.34
C ASP B 139 -8.88 -9.41 9.82
N ILE B 140 -7.75 -9.85 10.36
CA ILE B 140 -7.35 -9.56 11.74
C ILE B 140 -6.53 -8.28 11.68
N ASP B 141 -7.21 -7.13 11.69
CA ASP B 141 -6.52 -5.86 11.48
C ASP B 141 -5.78 -5.44 12.75
N ALA B 142 -5.13 -4.28 12.67
CA ALA B 142 -4.29 -3.79 13.78
C ALA B 142 -5.07 -3.75 15.09
N LYS B 143 -6.35 -3.37 15.03
CA LYS B 143 -7.13 -3.20 16.25
C LYS B 143 -7.49 -4.56 16.84
N VAL B 144 -7.85 -5.52 15.99
CA VAL B 144 -8.20 -6.85 16.48
C VAL B 144 -6.96 -7.56 17.00
N ALA B 145 -5.85 -7.42 16.29
CA ALA B 145 -4.60 -7.93 16.83
C ALA B 145 -4.30 -7.33 18.20
N LYS B 146 -4.54 -6.03 18.36
CA LYS B 146 -4.35 -5.42 19.67
C LYS B 146 -5.31 -6.03 20.69
N GLU B 147 -6.58 -6.21 20.33
CA GLU B 147 -7.52 -6.82 21.26
C GLU B 147 -7.04 -8.19 21.69
N ILE B 148 -6.51 -8.97 20.75
CA ILE B 148 -6.02 -10.31 21.06
C ILE B 148 -4.83 -10.22 21.99
N GLY B 149 -3.97 -9.23 21.75
CA GLY B 149 -3.03 -8.76 22.74
C GLY B 149 -1.94 -9.73 23.11
N CYS B 150 -1.57 -10.64 22.20
CA CYS B 150 -0.56 -11.63 22.54
C CYS B 150 0.38 -11.95 21.39
N PHE B 151 0.29 -11.24 20.27
CA PHE B 151 1.14 -11.48 19.11
C PHE B 151 2.52 -10.81 19.27
N THR B 152 3.57 -11.57 18.93
CA THR B 152 4.92 -11.01 18.87
C THR B 152 5.19 -10.35 17.53
N GLY B 153 4.56 -10.86 16.46
CA GLY B 153 4.73 -10.30 15.15
C GLY B 153 3.52 -10.62 14.29
N VAL B 154 3.48 -10.01 13.11
CA VAL B 154 2.45 -10.26 12.11
C VAL B 154 3.09 -10.26 10.74
N LYS B 155 2.64 -11.21 9.89
CA LYS B 155 2.84 -11.18 8.45
C LYS B 155 1.52 -10.74 7.81
N ASP B 156 1.54 -9.59 7.14
CA ASP B 156 0.35 -8.96 6.56
C ASP B 156 0.44 -9.08 5.05
N THR B 157 -0.24 -10.08 4.49
CA THR B 157 -0.32 -10.26 3.04
C THR B 157 -1.53 -9.52 2.49
N ILE B 158 -1.27 -8.39 1.89
CA ILE B 158 -2.32 -7.45 1.51
C ILE B 158 -1.61 -6.34 0.76
N GLU B 159 -2.27 -5.76 -0.24
CA GLU B 159 -1.60 -4.76 -1.06
C GLU B 159 -1.55 -3.41 -0.35
N ASN B 160 -2.52 -3.15 0.53
CA ASN B 160 -2.66 -1.90 1.26
C ASN B 160 -1.56 -1.76 2.31
N ILE B 161 -0.53 -0.95 2.03
CA ILE B 161 0.52 -0.83 3.03
C ILE B 161 0.06 -0.01 4.23
N ILE B 162 -0.96 0.83 4.05
CA ILE B 162 -1.57 1.55 5.18
C ILE B 162 -2.00 0.55 6.25
N HIS B 163 -2.71 -0.49 5.82
CA HIS B 163 -3.15 -1.55 6.71
C HIS B 163 -1.98 -2.10 7.50
N THR B 164 -0.88 -2.36 6.80
CA THR B 164 0.28 -2.96 7.43
C THR B 164 0.93 -2.01 8.42
N LEU B 165 1.14 -0.75 8.03
CA LEU B 165 1.73 0.24 8.93
C LEU B 165 0.94 0.35 10.22
N ASP B 166 -0.38 0.23 10.13
CA ASP B 166 -1.26 0.42 11.28
C ASP B 166 -0.95 -0.53 12.42
N TYR B 167 -0.47 -1.74 12.12
CA TYR B 167 -0.05 -2.65 13.19
C TYR B 167 1.03 -2.00 14.05
N LYS B 168 2.04 -1.39 13.40
CA LYS B 168 3.08 -0.69 14.13
C LYS B 168 2.50 0.50 14.88
N ARG B 169 1.62 1.25 14.24
CA ARG B 169 1.04 2.43 14.90
C ARG B 169 0.29 2.08 16.17
N LEU B 170 -0.46 0.96 16.16
CA LEU B 170 -1.25 0.58 17.31
C LEU B 170 -0.57 -0.43 18.21
N ASN B 171 0.46 -1.12 17.71
CA ASN B 171 1.23 -2.10 18.48
C ASN B 171 2.71 -1.82 18.27
N PRO B 172 3.23 -0.75 18.90
CA PRO B 172 4.61 -0.31 18.61
C PRO B 172 5.70 -1.33 18.89
N ASN B 173 5.42 -2.37 19.67
CA ASN B 173 6.44 -3.37 19.99
C ASN B 173 6.36 -4.60 19.08
N MET B 174 5.39 -4.64 18.17
CA MET B 174 5.17 -5.78 17.30
C MET B 174 6.15 -5.75 16.13
N LEU B 175 6.80 -6.87 15.87
CA LEU B 175 7.46 -7.03 14.59
C LEU B 175 6.40 -7.12 13.50
N VAL B 176 6.50 -6.24 12.50
CA VAL B 176 5.50 -6.13 11.44
C VAL B 176 6.19 -6.43 10.11
N TYR B 177 5.79 -7.54 9.47
CA TYR B 177 6.31 -7.93 8.16
C TYR B 177 5.21 -7.91 7.11
N SER B 178 5.61 -7.69 5.87
CA SER B 178 4.69 -7.71 4.75
C SER B 178 4.89 -9.01 3.97
N GLY B 179 3.78 -9.50 3.40
CA GLY B 179 3.79 -10.69 2.60
C GLY B 179 4.07 -10.47 1.13
N SER B 180 4.26 -9.23 0.70
CA SER B 180 4.50 -8.94 -0.71
C SER B 180 5.97 -9.07 -1.07
N ASP B 181 6.24 -9.71 -2.21
CA ASP B 181 7.55 -9.63 -2.84
C ASP B 181 7.77 -8.29 -3.51
N MET B 182 6.70 -7.59 -3.85
CA MET B 182 6.77 -6.36 -4.61
C MET B 182 7.02 -5.14 -3.76
N LEU B 183 6.97 -5.30 -2.43
CA LEU B 183 7.19 -4.20 -1.51
C LEU B 183 8.47 -4.36 -0.68
N ILE B 184 9.36 -5.28 -1.05
CA ILE B 184 10.62 -5.42 -0.29
C ILE B 184 11.29 -4.06 -0.14
N ALA B 185 11.47 -3.35 -1.25
CA ALA B 185 12.17 -2.06 -1.19
C ALA B 185 11.42 -1.07 -0.31
N THR B 186 10.11 -0.95 -0.53
CA THR B 186 9.33 0.07 0.18
C THR B 186 9.29 -0.20 1.67
N VAL B 187 9.23 -1.48 2.06
CA VAL B 187 9.17 -1.87 3.48
C VAL B 187 10.47 -1.50 4.19
N ALA B 188 11.60 -1.89 3.62
CA ALA B 188 12.88 -1.56 4.24
C ALA B 188 12.99 -0.07 4.47
N SER B 189 12.46 0.72 3.54
CA SER B 189 12.73 2.15 3.51
C SER B 189 11.78 2.95 4.38
N THR B 190 10.65 2.37 4.81
CA THR B 190 9.67 3.13 5.55
C THR B 190 9.66 2.82 7.04
N GLY B 191 10.45 1.87 7.50
CA GLY B 191 10.59 1.64 8.91
C GLY B 191 9.89 0.42 9.44
N LEU B 192 9.59 -0.55 8.60
CA LEU B 192 8.96 -1.81 8.97
C LEU B 192 10.04 -2.88 8.96
N ASP B 193 9.67 -4.08 9.40
CA ASP B 193 10.69 -5.01 9.88
C ASP B 193 11.04 -6.08 8.87
N GLY B 194 10.48 -6.02 7.65
CA GLY B 194 10.92 -6.89 6.58
C GLY B 194 9.77 -7.53 5.84
N ASN B 195 10.07 -8.60 5.11
CA ASN B 195 9.13 -9.20 4.19
C ASN B 195 9.22 -10.71 4.31
N VAL B 196 8.05 -11.34 4.28
CA VAL B 196 7.92 -12.78 4.07
C VAL B 196 7.57 -12.91 2.59
N ALA B 197 8.56 -13.31 1.79
CA ALA B 197 8.52 -13.12 0.35
C ALA B 197 8.69 -14.47 -0.36
N ALA B 198 7.58 -15.02 -0.85
CA ALA B 198 7.63 -16.31 -1.55
C ALA B 198 8.67 -16.33 -2.65
N GLY B 199 8.86 -15.20 -3.34
CA GLY B 199 9.87 -15.11 -4.37
C GLY B 199 11.30 -15.35 -3.89
N SER B 200 11.56 -15.18 -2.58
CA SER B 200 12.90 -15.46 -2.05
C SER B 200 13.23 -16.95 -2.07
N ASN B 201 12.22 -17.79 -2.27
CA ASN B 201 12.43 -19.22 -2.51
C ASN B 201 13.38 -19.48 -3.67
N TYR B 202 13.26 -18.67 -4.74
CA TYR B 202 13.98 -18.93 -5.97
C TYR B 202 14.91 -17.79 -6.39
N LEU B 203 14.80 -16.62 -5.79
CA LEU B 203 15.76 -15.56 -6.02
C LEU B 203 16.12 -14.91 -4.69
N PRO B 204 16.53 -15.70 -3.70
CA PRO B 204 16.93 -15.10 -2.42
C PRO B 204 17.97 -14.02 -2.62
N GLU B 205 18.84 -14.16 -3.64
CA GLU B 205 19.84 -13.13 -3.88
C GLU B 205 19.18 -11.81 -4.12
N VAL B 206 18.17 -11.80 -5.00
CA VAL B 206 17.46 -10.58 -5.34
C VAL B 206 16.84 -9.95 -4.10
N THR B 207 16.16 -10.76 -3.28
CA THR B 207 15.42 -10.16 -2.17
C THR B 207 16.37 -9.54 -1.15
N VAL B 208 17.46 -10.26 -0.82
CA VAL B 208 18.45 -9.73 0.13
C VAL B 208 19.06 -8.43 -0.39
N THR B 209 19.46 -8.42 -1.66
CA THR B 209 20.05 -7.21 -2.24
C THR B 209 19.08 -6.03 -2.19
N ILE B 210 17.81 -6.23 -2.57
CA ILE B 210 16.85 -5.14 -2.52
C ILE B 210 16.81 -4.54 -1.13
N LYS B 211 16.66 -5.39 -0.10
CA LYS B 211 16.67 -4.93 1.27
C LYS B 211 17.93 -4.10 1.58
N LYS B 212 19.11 -4.61 1.20
CA LYS B 212 20.35 -3.90 1.53
C LYS B 212 20.42 -2.56 0.82
N LEU B 213 20.16 -2.54 -0.49
CA LEU B 213 20.21 -1.26 -1.20
C LEU B 213 19.30 -0.24 -0.56
N ALA B 214 18.13 -0.68 -0.08
CA ALA B 214 17.19 0.24 0.50
C ALA B 214 17.61 0.60 1.91
N MET B 215 18.08 -0.39 2.68
N MET B 215 18.11 -0.37 2.68
CA MET B 215 18.73 -0.08 3.96
CA MET B 215 18.72 -0.03 3.96
C MET B 215 19.84 0.95 3.78
C MET B 215 19.85 0.99 3.77
N GLU B 216 20.59 0.87 2.67
CA GLU B 216 21.67 1.80 2.36
C GLU B 216 21.19 3.11 1.72
N ARG B 217 19.88 3.37 1.69
CA ARG B 217 19.28 4.58 1.13
C ARG B 217 19.57 4.78 -0.37
N LYS B 218 19.97 3.73 -1.08
CA LYS B 218 20.12 3.81 -2.54
C LYS B 218 18.78 3.44 -3.19
N ILE B 219 17.83 4.35 -3.01
CA ILE B 219 16.44 4.03 -3.33
C ILE B 219 16.25 3.80 -4.83
N ASP B 220 16.80 4.69 -5.67
CA ASP B 220 16.66 4.50 -7.11
C ASP B 220 17.17 3.13 -7.54
N GLU B 221 18.19 2.62 -6.86
CA GLU B 221 18.78 1.33 -7.22
C GLU B 221 17.96 0.18 -6.66
N ALA B 222 17.47 0.33 -5.43
CA ALA B 222 16.53 -0.65 -4.87
C ALA B 222 15.30 -0.80 -5.78
N LEU B 223 14.69 0.32 -6.16
CA LEU B 223 13.52 0.28 -7.03
C LEU B 223 13.80 -0.42 -8.34
N LYS B 224 14.94 -0.11 -8.96
CA LYS B 224 15.26 -0.72 -10.24
C LYS B 224 15.25 -2.24 -10.13
N LEU B 225 15.87 -2.76 -9.08
CA LEU B 225 15.88 -4.21 -8.88
C LEU B 225 14.50 -4.72 -8.42
N GLN B 226 13.86 -4.01 -7.50
CA GLN B 226 12.47 -4.35 -7.15
C GLN B 226 11.63 -4.56 -8.40
N PHE B 227 11.80 -3.68 -9.39
CA PHE B 227 10.96 -3.76 -10.58
C PHE B 227 11.25 -4.99 -11.43
N LEU B 228 12.51 -5.45 -11.45
CA LEU B 228 12.81 -6.68 -12.19
C LEU B 228 12.17 -7.88 -11.50
N HIS B 229 12.29 -7.92 -10.16
CA HIS B 229 11.66 -8.98 -9.37
C HIS B 229 10.14 -8.95 -9.56
N ASP B 230 9.56 -7.74 -9.65
CA ASP B 230 8.12 -7.60 -9.91
C ASP B 230 7.71 -8.33 -11.19
N GLU B 231 8.47 -8.13 -12.28
CA GLU B 231 8.24 -8.87 -13.52
C GLU B 231 8.37 -10.38 -13.31
N VAL B 232 9.20 -10.82 -12.37
CA VAL B 232 9.32 -12.27 -12.17
C VAL B 232 8.09 -12.79 -11.43
N ILE B 233 7.66 -12.07 -10.39
CA ILE B 233 6.41 -12.40 -9.72
C ILE B 233 5.28 -12.49 -10.75
N GLU B 234 5.16 -11.46 -11.60
CA GLU B 234 4.08 -11.47 -12.59
C GLU B 234 4.13 -12.72 -13.44
N ALA B 235 5.32 -13.07 -13.94
CA ALA B 235 5.43 -14.25 -14.79
C ALA B 235 4.95 -15.50 -14.06
N SER B 236 5.29 -15.65 -12.78
CA SER B 236 4.88 -16.85 -12.05
C SER B 236 3.37 -16.93 -11.86
N ARG B 237 2.68 -15.79 -11.91
CA ARG B 237 1.24 -15.79 -11.77
C ARG B 237 0.53 -16.29 -13.02
N ILE B 238 1.19 -16.23 -14.18
CA ILE B 238 0.56 -16.61 -15.43
C ILE B 238 -0.05 -18.01 -15.33
N PHE B 239 0.72 -18.96 -14.82
CA PHE B 239 0.29 -20.36 -14.73
C PHE B 239 -0.12 -20.77 -13.33
N GLY B 240 -0.20 -19.82 -12.38
CA GLY B 240 -0.46 -20.19 -11.00
C GLY B 240 0.79 -20.14 -10.16
N SER B 241 0.89 -19.10 -9.33
CA SER B 241 2.14 -18.80 -8.64
C SER B 241 2.64 -20.00 -7.84
N LEU B 242 1.73 -20.77 -7.24
CA LEU B 242 2.16 -21.84 -6.34
C LEU B 242 2.81 -22.99 -7.10
N SER B 243 2.30 -23.31 -8.28
CA SER B 243 2.93 -24.34 -9.11
C SER B 243 4.22 -23.81 -9.70
N SER B 244 4.22 -22.55 -10.14
CA SER B 244 5.38 -21.96 -10.80
C SER B 244 6.56 -21.81 -9.85
N ASN B 245 6.28 -21.61 -8.57
CA ASN B 245 7.36 -21.49 -7.60
C ASN B 245 8.31 -22.67 -7.68
N TYR B 246 7.81 -23.85 -8.07
CA TYR B 246 8.68 -25.03 -8.17
C TYR B 246 9.60 -24.92 -9.39
N VAL B 247 9.04 -24.64 -10.56
CA VAL B 247 9.83 -24.54 -11.78
C VAL B 247 10.90 -23.46 -11.64
N LEU B 248 10.58 -22.37 -10.94
CA LEU B 248 11.49 -21.24 -10.88
C LEU B 248 12.63 -21.46 -9.91
N THR B 249 12.40 -22.28 -8.88
CA THR B 249 13.51 -22.64 -8.01
C THR B 249 14.50 -23.51 -8.77
N LYS B 250 14.03 -24.58 -9.40
CA LYS B 250 14.90 -25.41 -10.23
C LYS B 250 15.70 -24.54 -11.20
N TYR B 251 15.03 -23.66 -11.92
CA TYR B 251 15.72 -22.89 -12.96
C TYR B 251 16.79 -21.98 -12.38
N PHE B 252 16.47 -21.28 -11.28
CA PHE B 252 17.34 -20.22 -10.77
C PHE B 252 18.37 -20.73 -9.78
N GLN B 253 18.14 -21.92 -9.20
CA GLN B 253 18.93 -22.42 -8.09
C GLN B 253 19.39 -23.87 -8.30
N GLY B 254 19.29 -24.41 -9.50
CA GLY B 254 19.89 -25.73 -9.78
C GLY B 254 19.14 -26.98 -9.36
N TYR B 255 18.68 -27.05 -8.12
CA TYR B 255 18.07 -28.26 -7.59
C TYR B 255 16.57 -28.29 -7.86
N ASP B 256 16.03 -29.50 -7.84
CA ASP B 256 14.66 -29.76 -8.20
C ASP B 256 13.89 -30.07 -6.92
N LEU B 257 12.68 -29.50 -6.78
CA LEU B 257 11.87 -29.66 -5.58
C LEU B 257 10.74 -30.66 -5.78
N GLY B 258 10.78 -31.45 -6.84
CA GLY B 258 9.74 -32.41 -7.04
C GLY B 258 8.49 -31.70 -7.49
N TYR B 259 7.36 -32.08 -6.89
CA TYR B 259 6.03 -31.71 -7.34
C TYR B 259 5.24 -30.98 -6.27
N PRO B 260 4.23 -30.21 -6.66
CA PRO B 260 3.23 -29.73 -5.70
C PRO B 260 2.23 -30.83 -5.37
N ARG B 261 1.24 -30.49 -4.55
CA ARG B 261 0.17 -31.42 -4.20
C ARG B 261 -1.11 -31.04 -4.94
N PRO B 262 -1.56 -31.84 -5.92
CA PRO B 262 -2.84 -31.54 -6.61
C PRO B 262 -3.98 -31.36 -5.63
N PRO B 263 -4.88 -30.40 -5.87
CA PRO B 263 -5.20 -29.58 -7.05
C PRO B 263 -4.23 -28.47 -7.38
N ILE B 264 -3.16 -28.35 -6.60
CA ILE B 264 -2.03 -27.54 -7.04
C ILE B 264 -1.27 -28.45 -8.00
N PHE B 265 -1.58 -28.34 -9.28
CA PHE B 265 -1.06 -29.30 -10.25
C PHE B 265 0.31 -28.83 -10.74
N PRO B 266 1.25 -29.74 -10.97
CA PRO B 266 2.51 -29.31 -11.58
C PRO B 266 2.25 -28.71 -12.94
N LEU B 267 3.12 -27.78 -13.34
CA LEU B 267 3.12 -27.35 -14.73
C LEU B 267 3.50 -28.51 -15.62
N ASP B 268 3.05 -28.48 -16.86
CA ASP B 268 3.54 -29.47 -17.82
C ASP B 268 4.83 -28.96 -18.46
N ASP B 269 5.54 -29.88 -19.13
CA ASP B 269 6.82 -29.52 -19.75
C ASP B 269 6.68 -28.26 -20.61
N GLU B 270 5.55 -28.11 -21.31
CA GLU B 270 5.37 -26.96 -22.19
C GLU B 270 5.19 -25.67 -21.40
N GLU B 271 4.47 -25.72 -20.28
CA GLU B 271 4.35 -24.54 -19.44
C GLU B 271 5.69 -24.17 -18.81
N GLU B 272 6.39 -25.17 -18.25
CA GLU B 272 7.75 -24.98 -17.78
C GLU B 272 8.57 -24.19 -18.79
N ARG B 273 8.49 -24.57 -20.07
CA ARG B 273 9.29 -23.92 -21.10
C ARG B 273 8.85 -22.48 -21.32
N GLN B 274 7.54 -22.24 -21.44
CA GLN B 274 7.06 -20.88 -21.63
C GLN B 274 7.44 -19.99 -20.45
N LEU B 275 7.33 -20.52 -19.24
CA LEU B 275 7.66 -19.72 -18.07
C LEU B 275 9.13 -19.33 -18.08
N ILE B 276 10.02 -20.29 -18.36
CA ILE B 276 11.44 -20.00 -18.51
C ILE B 276 11.63 -18.85 -19.50
N LYS B 277 11.10 -19.04 -20.71
CA LYS B 277 11.35 -18.07 -21.78
C LYS B 277 11.06 -16.65 -21.31
N LYS B 278 10.03 -16.48 -20.48
CA LYS B 278 9.63 -15.16 -19.99
C LYS B 278 10.54 -14.60 -18.90
N VAL B 279 11.46 -15.40 -18.36
CA VAL B 279 12.37 -14.91 -17.33
C VAL B 279 13.84 -14.98 -17.74
N GLU B 280 14.20 -15.71 -18.80
CA GLU B 280 15.62 -15.87 -19.11
C GLU B 280 16.26 -14.55 -19.48
N GLY B 281 15.51 -13.65 -20.09
CA GLY B 281 16.01 -12.29 -20.28
C GLY B 281 16.37 -11.65 -18.95
N ILE B 282 15.51 -11.81 -17.95
CA ILE B 282 15.78 -11.24 -16.63
C ILE B 282 17.01 -11.88 -16.02
N ARG B 283 17.06 -13.21 -15.97
CA ARG B 283 18.22 -13.89 -15.43
C ARG B 283 19.50 -13.32 -16.02
N ALA B 284 19.56 -13.18 -17.34
CA ALA B 284 20.70 -12.55 -17.98
C ALA B 284 21.04 -11.23 -17.30
N LYS B 285 20.06 -10.35 -17.17
CA LYS B 285 20.32 -9.05 -16.58
C LYS B 285 20.70 -9.15 -15.11
N LEU B 286 20.29 -10.23 -14.43
CA LEU B 286 20.70 -10.40 -13.04
C LEU B 286 22.12 -10.95 -12.92
N VAL B 287 22.57 -11.74 -13.89
CA VAL B 287 23.97 -12.14 -13.92
C VAL B 287 24.83 -10.98 -14.40
N GLU B 288 24.38 -10.30 -15.46
CA GLU B 288 25.01 -9.06 -15.89
C GLU B 288 25.13 -8.04 -14.76
N LEU B 289 24.30 -8.15 -13.73
CA LEU B 289 24.36 -7.23 -12.59
C LEU B 289 25.06 -7.85 -11.40
N LYS B 290 25.65 -9.04 -11.57
CA LYS B 290 26.44 -9.71 -10.55
C LYS B 290 25.64 -10.10 -9.33
N ILE B 291 24.31 -10.06 -9.40
CA ILE B 291 23.52 -10.57 -8.29
C ILE B 291 23.44 -12.08 -8.36
N LEU B 292 23.42 -12.64 -9.57
CA LEU B 292 23.38 -14.08 -9.74
C LEU B 292 24.72 -14.64 -10.21
N LYS B 293 25.05 -15.84 -9.73
CA LYS B 293 26.25 -16.53 -10.16
C LYS B 293 26.05 -17.16 -11.52
N GLU B 294 24.99 -17.95 -11.68
CA GLU B 294 24.75 -18.74 -12.89
C GLU B 294 25.72 -19.92 -12.96
#